data_1VPQ
#
_entry.id   1VPQ
#
_cell.length_a   53.286
_cell.length_b   136.238
_cell.length_c   80.461
_cell.angle_alpha   90.00
_cell.angle_beta   90.00
_cell.angle_gamma   90.00
#
_symmetry.space_group_name_H-M   'C 2 2 21'
#
loop_
_entity.id
_entity.type
_entity.pdbx_description
1 polymer 'hypothetical protein TM1631'
2 non-polymer 'SULFATE ION'
3 water water
#
_entity_poly.entity_id   1
_entity_poly.type   'polypeptide(L)'
_entity_poly.pdbx_seq_one_letter_code
;MGSDKIHHHHHHMVYVGTSGFSFEDWKGVVYPEHLKPSQFLKYYWAVLGFRIVELNFTYYTQPSWRSFVQMLRKTPPDFY
FTVKTPGSVTHVLWKEGKDPKEDMENFTRQIEPLIEEQRLKMTLAQFPFSFKFSRKNVEYLEKLRESYPYELAVEFRHYS
WDREETYEFLRNHGITFVVVDEPKLPGLFPYRPITTTDYAYFRFHGRNERWFEAEGEERYDYLYSEEELKTLFEDVVELS
RRVKETYVFFNNCYKGQAAINALQFKKMLEERV
;
_entity_poly.pdbx_strand_id   A
#
loop_
_chem_comp.id
_chem_comp.type
_chem_comp.name
_chem_comp.formula
SO4 non-polymer 'SULFATE ION' 'O4 S -2'
#
# COMPACT_ATOMS: atom_id res chain seq x y z
N HIS A 12 -13.67 2.70 14.41
CA HIS A 12 -12.70 3.59 13.68
C HIS A 12 -11.23 3.11 13.77
N MET A 13 -11.07 1.80 13.76
CA MET A 13 -9.78 1.15 13.87
C MET A 13 -8.76 1.76 12.90
N VAL A 14 -7.50 1.88 13.34
CA VAL A 14 -6.40 2.21 12.44
C VAL A 14 -5.41 1.05 12.43
N TYR A 15 -5.08 0.53 11.25
CA TYR A 15 -4.08 -0.54 11.10
C TYR A 15 -2.79 -0.01 10.48
N VAL A 16 -1.72 0.02 11.26
CA VAL A 16 -0.40 0.37 10.71
C VAL A 16 0.45 -0.89 10.48
N GLY A 17 1.14 -0.90 9.34
CA GLY A 17 2.12 -1.92 9.02
C GLY A 17 3.12 -1.41 8.00
N THR A 18 3.81 -2.33 7.34
CA THR A 18 4.80 -2.01 6.31
C THR A 18 4.46 -2.67 4.97
N SER A 19 5.14 -2.21 3.92
CA SER A 19 5.01 -2.82 2.60
C SER A 19 6.00 -3.98 2.52
N GLY A 20 5.47 -5.18 2.70
CA GLY A 20 6.29 -6.38 2.77
C GLY A 20 6.83 -6.58 4.17
N PHE A 21 7.24 -7.81 4.44
CA PHE A 21 7.87 -8.20 5.71
C PHE A 21 9.17 -8.99 5.51
N SER A 22 9.39 -9.49 4.29
CA SER A 22 10.45 -10.46 4.00
C SER A 22 11.69 -9.78 3.42
N PHE A 23 12.48 -9.16 4.31
CA PHE A 23 13.70 -8.46 3.95
C PHE A 23 14.86 -8.93 4.82
N GLU A 24 16.03 -9.14 4.20
CA GLU A 24 17.25 -9.48 4.91
C GLU A 24 17.93 -8.23 5.49
N ASP A 25 17.86 -7.12 4.76
CA ASP A 25 18.15 -5.77 5.27
C ASP A 25 17.70 -5.52 6.72
N TRP A 26 16.53 -6.07 7.09
CA TRP A 26 15.93 -5.88 8.42
C TRP A 26 16.63 -6.69 9.55
N LYS A 27 17.39 -7.72 9.19
CA LYS A 27 18.19 -8.46 10.16
C LYS A 27 19.28 -7.58 10.75
N GLY A 28 19.34 -7.52 12.08
CA GLY A 28 20.29 -6.63 12.78
C GLY A 28 19.83 -5.18 12.81
N VAL A 29 18.54 -4.98 12.56
CA VAL A 29 17.90 -3.67 12.60
C VAL A 29 16.64 -3.86 13.43
N VAL A 30 15.58 -4.41 12.83
CA VAL A 30 14.36 -4.74 13.58
C VAL A 30 14.16 -6.24 13.78
N TYR A 31 14.82 -7.05 12.95
CA TYR A 31 14.85 -8.49 13.16
C TYR A 31 16.17 -8.88 13.84
N PRO A 32 16.13 -9.89 14.74
CA PRO A 32 17.37 -10.35 15.33
C PRO A 32 18.31 -10.85 14.24
N GLU A 33 19.60 -10.65 14.46
CA GLU A 33 20.64 -11.08 13.51
C GLU A 33 20.41 -12.49 12.98
N HIS A 34 20.07 -13.40 13.88
CA HIS A 34 20.02 -14.83 13.58
C HIS A 34 18.59 -15.39 13.47
N LEU A 35 17.62 -14.53 13.09
CA LEU A 35 16.26 -14.97 12.80
C LEU A 35 16.21 -15.67 11.44
N LYS A 36 15.56 -16.83 11.37
CA LYS A 36 15.41 -17.55 10.10
C LYS A 36 14.32 -16.86 9.29
N PRO A 37 14.47 -16.81 7.94
CA PRO A 37 13.47 -16.13 7.10
C PRO A 37 12.06 -16.71 7.19
N SER A 38 11.98 -18.01 7.48
CA SER A 38 10.69 -18.68 7.69
C SER A 38 9.95 -18.23 8.95
N GLN A 39 10.65 -17.54 9.86
CA GLN A 39 10.05 -16.98 11.07
C GLN A 39 9.86 -15.46 11.01
N PHE A 40 10.10 -14.88 9.83
CA PHE A 40 9.93 -13.44 9.63
C PHE A 40 8.49 -12.99 9.86
N LEU A 41 7.54 -13.72 9.28
CA LEU A 41 6.14 -13.34 9.38
C LEU A 41 5.63 -13.45 10.82
N LYS A 42 5.98 -14.55 11.49
CA LYS A 42 5.62 -14.74 12.90
C LYS A 42 6.21 -13.63 13.77
N TYR A 43 7.48 -13.29 13.53
CA TYR A 43 8.13 -12.20 14.27
C TYR A 43 7.47 -10.86 14.01
N TYR A 44 7.09 -10.64 12.76
CA TYR A 44 6.38 -9.44 12.35
C TYR A 44 5.08 -9.20 13.14
N TRP A 45 4.20 -10.21 13.21
CA TRP A 45 2.90 -10.05 13.90
C TRP A 45 2.93 -10.35 15.41
N ALA A 46 3.71 -11.33 15.82
CA ALA A 46 3.73 -11.78 17.23
C ALA A 46 4.56 -10.87 18.15
N VAL A 47 5.68 -10.37 17.63
CA VAL A 47 6.63 -9.56 18.41
C VAL A 47 6.53 -8.07 18.06
N LEU A 48 6.80 -7.70 16.81
CA LEU A 48 6.70 -6.30 16.39
C LEU A 48 5.26 -5.77 16.47
N GLY A 49 4.28 -6.68 16.48
CA GLY A 49 2.90 -6.33 16.84
C GLY A 49 2.05 -5.70 15.75
N PHE A 50 2.55 -5.74 14.51
CA PHE A 50 1.79 -5.27 13.36
C PHE A 50 0.65 -6.23 13.02
N ARG A 51 -0.55 -5.69 12.84
CA ARG A 51 -1.75 -6.48 12.57
C ARG A 51 -2.12 -6.50 11.07
N ILE A 52 -1.26 -5.93 10.24
CA ILE A 52 -1.52 -5.83 8.81
C ILE A 52 -0.21 -5.69 8.05
N VAL A 53 -0.21 -6.15 6.80
CA VAL A 53 0.94 -5.96 5.92
C VAL A 53 0.40 -5.81 4.50
N GLU A 54 1.08 -5.00 3.70
CA GLU A 54 0.73 -4.78 2.30
C GLU A 54 1.66 -5.61 1.42
N LEU A 55 1.09 -6.43 0.54
CA LEU A 55 1.86 -7.39 -0.25
C LEU A 55 1.80 -7.18 -1.77
N ASN A 56 2.89 -7.57 -2.43
CA ASN A 56 2.95 -7.57 -3.88
C ASN A 56 3.60 -8.86 -4.34
N PHE A 57 2.77 -9.80 -4.79
CA PHE A 57 3.23 -11.12 -5.20
C PHE A 57 3.73 -11.08 -6.62
N THR A 58 5.01 -11.39 -6.79
CA THR A 58 5.59 -11.53 -8.11
C THR A 58 6.38 -12.82 -8.12
N TYR A 59 7.16 -13.06 -9.18
CA TYR A 59 8.04 -14.22 -9.26
C TYR A 59 9.48 -13.84 -8.88
N TYR A 60 9.66 -12.60 -8.45
CA TYR A 60 10.95 -12.12 -7.94
C TYR A 60 10.87 -11.64 -6.49
N THR A 61 9.68 -11.69 -5.89
CA THR A 61 9.49 -11.23 -4.50
C THR A 61 9.21 -12.38 -3.52
N GLN A 62 9.54 -12.14 -2.26
CA GLN A 62 9.23 -13.05 -1.16
C GLN A 62 8.16 -12.43 -0.27
N PRO A 63 7.18 -13.23 0.20
CA PRO A 63 7.05 -14.68 -0.01
C PRO A 63 6.32 -14.99 -1.32
N SER A 64 6.46 -16.21 -1.82
CA SER A 64 5.66 -16.63 -2.97
C SER A 64 4.20 -16.71 -2.54
N TRP A 65 3.29 -16.75 -3.51
CA TRP A 65 1.86 -16.84 -3.20
C TRP A 65 1.57 -18.16 -2.48
N ARG A 66 2.10 -19.26 -3.02
CA ARG A 66 1.92 -20.59 -2.43
C ARG A 66 2.41 -20.63 -0.98
N SER A 67 3.66 -20.21 -0.78
CA SER A 67 4.28 -20.21 0.55
C SER A 67 3.58 -19.27 1.53
N PHE A 68 2.92 -18.25 1.01
CA PHE A 68 2.13 -17.36 1.86
C PHE A 68 0.83 -18.02 2.32
N VAL A 69 0.12 -18.65 1.39
CA VAL A 69 -1.17 -19.29 1.67
C VAL A 69 -1.03 -20.50 2.63
N GLN A 70 0.08 -21.22 2.54
CA GLN A 70 0.38 -22.31 3.49
C GLN A 70 0.75 -21.76 4.87
N MET A 71 1.55 -20.70 4.87
CA MET A 71 2.00 -20.02 6.08
C MET A 71 0.87 -19.25 6.78
N LEU A 72 -0.21 -19.01 6.04
CA LEU A 72 -1.39 -18.29 6.53
C LEU A 72 -2.23 -19.15 7.49
N ARG A 73 -2.24 -20.46 7.23
CA ARG A 73 -2.88 -21.46 8.09
C ARG A 73 -2.28 -21.50 9.52
N LYS A 74 -1.09 -20.93 9.69
CA LYS A 74 -0.41 -20.85 10.99
C LYS A 74 -0.40 -19.42 11.55
N THR A 75 -1.20 -18.55 10.95
CA THR A 75 -1.29 -17.14 11.33
C THR A 75 -2.62 -16.93 12.04
N PRO A 76 -2.64 -16.13 13.14
CA PRO A 76 -3.88 -15.95 13.88
C PRO A 76 -4.98 -15.23 13.08
N PRO A 77 -6.26 -15.44 13.47
CA PRO A 77 -7.42 -14.84 12.79
C PRO A 77 -7.36 -13.32 12.60
N ASP A 78 -6.79 -12.61 13.57
CA ASP A 78 -6.74 -11.13 13.52
C ASP A 78 -5.46 -10.61 12.87
N PHE A 79 -5.00 -11.26 11.81
CA PHE A 79 -3.95 -10.72 10.97
C PHE A 79 -4.48 -10.59 9.56
N TYR A 80 -4.31 -9.38 9.00
CA TYR A 80 -4.93 -8.99 7.75
C TYR A 80 -3.88 -8.52 6.76
N PHE A 81 -4.29 -8.36 5.51
CA PHE A 81 -3.39 -7.78 4.54
C PHE A 81 -4.11 -7.03 3.43
N THR A 82 -3.34 -6.22 2.71
CA THR A 82 -3.76 -5.59 1.47
C THR A 82 -2.85 -6.08 0.36
N VAL A 83 -3.33 -6.01 -0.88
CA VAL A 83 -2.60 -6.63 -2.00
C VAL A 83 -2.57 -5.69 -3.21
N LYS A 84 -1.41 -5.65 -3.87
CA LYS A 84 -1.29 -4.93 -5.14
C LYS A 84 -1.91 -5.75 -6.28
N THR A 85 -2.63 -5.07 -7.18
CA THR A 85 -3.13 -5.68 -8.42
C THR A 85 -1.92 -6.13 -9.24
N PRO A 86 -2.15 -7.00 -10.25
CA PRO A 86 -1.03 -7.36 -11.12
C PRO A 86 -0.44 -6.12 -11.80
N GLY A 87 0.83 -6.21 -12.18
CA GLY A 87 1.57 -5.12 -12.81
C GLY A 87 1.03 -4.69 -14.16
N SER A 88 0.45 -5.62 -14.91
CA SER A 88 -0.20 -5.32 -16.19
C SER A 88 -1.33 -4.28 -16.04
N VAL A 89 -2.11 -4.44 -14.97
CA VAL A 89 -3.29 -3.61 -14.75
C VAL A 89 -2.89 -2.17 -14.48
N THR A 90 -1.84 -1.97 -13.70
CA THR A 90 -1.37 -0.64 -13.31
C THR A 90 -0.28 0.01 -14.20
N HIS A 91 0.51 -0.80 -14.91
CA HIS A 91 1.68 -0.28 -15.65
C HIS A 91 1.68 -0.53 -17.17
N VAL A 92 0.74 -1.29 -17.69
CA VAL A 92 0.85 -1.79 -19.08
C VAL A 92 -0.41 -1.57 -19.92
N LEU A 93 -1.51 -2.20 -19.55
CA LEU A 93 -2.69 -2.29 -20.40
C LEU A 93 -3.24 -0.93 -20.82
N TRP A 94 -3.19 0.04 -19.93
CA TRP A 94 -3.69 1.39 -20.24
C TRP A 94 -2.87 2.09 -21.32
N LYS A 95 -1.58 1.73 -21.41
CA LYS A 95 -0.69 2.22 -22.47
C LYS A 95 -1.06 1.59 -23.82
N GLU A 96 -1.66 0.41 -23.78
CA GLU A 96 -1.96 -0.38 -24.98
C GLU A 96 -3.45 -0.33 -25.39
N GLY A 97 -4.26 0.40 -24.61
CA GLY A 97 -5.70 0.51 -24.88
C GLY A 97 -6.46 -0.80 -24.68
N LYS A 98 -6.07 -1.54 -23.63
CA LYS A 98 -6.64 -2.86 -23.38
C LYS A 98 -7.48 -2.87 -22.11
N ASP A 99 -8.44 -3.79 -22.06
CA ASP A 99 -9.40 -3.89 -20.95
C ASP A 99 -8.81 -4.80 -19.89
N PRO A 100 -8.77 -4.33 -18.63
CA PRO A 100 -8.26 -5.17 -17.54
C PRO A 100 -9.18 -6.32 -17.08
N LYS A 101 -10.30 -6.54 -17.76
CA LYS A 101 -11.27 -7.56 -17.35
C LYS A 101 -10.65 -8.93 -17.12
N GLU A 102 -9.98 -9.47 -18.14
CA GLU A 102 -9.47 -10.84 -18.05
C GLU A 102 -8.41 -10.96 -16.95
N ASP A 103 -7.46 -10.02 -16.91
CA ASP A 103 -6.41 -10.00 -15.87
C ASP A 103 -6.94 -9.92 -14.43
N MET A 104 -7.97 -9.10 -14.20
CA MET A 104 -8.53 -8.91 -12.86
C MET A 104 -9.44 -10.07 -12.42
N GLU A 105 -10.15 -10.67 -13.36
CA GLU A 105 -10.95 -11.88 -13.09
C GLU A 105 -10.06 -13.05 -12.71
N ASN A 106 -8.97 -13.20 -13.46
CA ASN A 106 -7.93 -14.18 -13.17
C ASN A 106 -7.35 -13.98 -11.78
N PHE A 107 -6.97 -12.73 -11.52
CA PHE A 107 -6.44 -12.29 -10.22
C PHE A 107 -7.43 -12.50 -9.08
N THR A 108 -8.71 -12.23 -9.34
CA THR A 108 -9.76 -12.40 -8.32
C THR A 108 -9.79 -13.85 -7.86
N ARG A 109 -9.70 -14.77 -8.81
CA ARG A 109 -9.66 -16.20 -8.53
C ARG A 109 -8.51 -16.52 -7.57
N GLN A 110 -7.31 -16.03 -7.86
CA GLN A 110 -6.15 -16.27 -7.00
C GLN A 110 -6.50 -15.89 -5.57
N ILE A 111 -6.96 -14.66 -5.38
CA ILE A 111 -7.19 -14.11 -4.04
C ILE A 111 -8.61 -14.30 -3.49
N GLU A 112 -9.46 -15.01 -4.24
CA GLU A 112 -10.82 -15.35 -3.79
C GLU A 112 -10.85 -16.07 -2.43
N PRO A 113 -9.94 -17.05 -2.23
CA PRO A 113 -9.74 -17.66 -0.91
C PRO A 113 -9.81 -16.69 0.25
N LEU A 114 -8.94 -15.67 0.19
CA LEU A 114 -8.60 -14.89 1.37
C LEU A 114 -9.60 -13.79 1.64
N ILE A 115 -10.36 -13.41 0.63
CA ILE A 115 -11.51 -12.54 0.84
C ILE A 115 -12.58 -13.31 1.59
N GLU A 116 -12.84 -14.55 1.17
CA GLU A 116 -13.82 -15.43 1.84
C GLU A 116 -13.43 -15.72 3.29
N GLU A 117 -12.12 -15.80 3.55
CA GLU A 117 -11.60 -16.01 4.90
C GLU A 117 -11.40 -14.70 5.65
N GLN A 118 -11.82 -13.59 5.03
CA GLN A 118 -11.83 -12.28 5.67
C GLN A 118 -10.44 -11.81 6.11
N ARG A 119 -9.44 -12.15 5.32
CA ARG A 119 -8.06 -11.77 5.58
C ARG A 119 -7.67 -10.57 4.72
N LEU A 120 -8.34 -10.45 3.57
CA LEU A 120 -8.07 -9.36 2.62
C LEU A 120 -8.96 -8.16 2.91
N LYS A 121 -8.33 -7.03 3.24
CA LYS A 121 -9.03 -5.80 3.59
C LYS A 121 -9.20 -4.84 2.41
N MET A 122 -8.26 -4.88 1.46
CA MET A 122 -8.22 -3.91 0.37
C MET A 122 -7.27 -4.34 -0.75
N THR A 123 -7.63 -4.02 -1.98
CA THR A 123 -6.74 -4.21 -3.14
C THR A 123 -6.24 -2.86 -3.62
N LEU A 124 -4.94 -2.79 -3.91
CA LEU A 124 -4.29 -1.53 -4.26
C LEU A 124 -3.89 -1.50 -5.72
N ALA A 125 -4.33 -0.46 -6.41
CA ALA A 125 -3.88 -0.17 -7.76
C ALA A 125 -3.04 1.09 -7.73
N GLN A 126 -1.71 0.91 -7.78
CA GLN A 126 -0.77 2.03 -7.74
C GLN A 126 -0.17 2.25 -9.13
N PHE A 127 -0.37 3.46 -9.65
CA PHE A 127 -0.01 3.79 -11.02
C PHE A 127 1.29 4.57 -11.09
N PRO A 128 2.09 4.34 -12.15
CA PRO A 128 3.40 4.98 -12.24
C PRO A 128 3.32 6.46 -12.64
N PHE A 129 4.48 7.10 -12.68
CA PHE A 129 4.64 8.51 -13.04
C PHE A 129 4.09 8.80 -14.43
N SER A 130 4.30 7.86 -15.34
CA SER A 130 3.84 7.95 -16.73
C SER A 130 2.32 7.93 -16.92
N PHE A 131 1.59 7.44 -15.93
CA PHE A 131 0.13 7.49 -15.94
C PHE A 131 -0.31 8.91 -15.63
N LYS A 132 -0.91 9.58 -16.61
CA LYS A 132 -1.32 10.98 -16.49
C LYS A 132 -2.83 11.15 -16.60
N PHE A 133 -3.33 12.25 -16.03
CA PHE A 133 -4.74 12.59 -16.13
C PHE A 133 -5.11 12.86 -17.58
N SER A 134 -6.02 12.04 -18.10
CA SER A 134 -6.57 12.23 -19.45
C SER A 134 -7.94 11.57 -19.48
N ARG A 135 -8.72 11.86 -20.50
CA ARG A 135 -10.06 11.29 -20.62
C ARG A 135 -9.96 9.79 -20.82
N LYS A 136 -8.98 9.34 -21.60
CA LYS A 136 -8.80 7.90 -21.88
C LYS A 136 -8.35 7.09 -20.65
N ASN A 137 -7.49 7.70 -19.82
CA ASN A 137 -7.02 7.08 -18.59
C ASN A 137 -8.08 7.02 -17.49
N VAL A 138 -8.96 8.01 -17.45
CA VAL A 138 -10.14 7.96 -16.58
C VAL A 138 -11.09 6.87 -17.07
N GLU A 139 -11.28 6.79 -18.38
CA GLU A 139 -12.04 5.71 -18.97
C GLU A 139 -11.45 4.37 -18.53
N TYR A 140 -10.12 4.28 -18.53
CA TYR A 140 -9.44 3.06 -18.10
C TYR A 140 -9.76 2.72 -16.64
N LEU A 141 -9.81 3.73 -15.78
CA LEU A 141 -10.16 3.52 -14.38
C LEU A 141 -11.60 2.99 -14.24
N GLU A 142 -12.49 3.45 -15.11
CA GLU A 142 -13.85 2.89 -15.16
C GLU A 142 -13.85 1.40 -15.57
N LYS A 143 -12.96 1.02 -16.49
CA LYS A 143 -12.85 -0.38 -16.90
C LYS A 143 -12.35 -1.26 -15.77
N LEU A 144 -11.39 -0.73 -15.01
CA LEU A 144 -10.86 -1.39 -13.81
C LEU A 144 -11.92 -1.58 -12.72
N ARG A 145 -12.69 -0.53 -12.46
CA ARG A 145 -13.74 -0.59 -11.47
C ARG A 145 -14.73 -1.72 -11.79
N GLU A 146 -15.26 -1.73 -13.01
CA GLU A 146 -16.20 -2.77 -13.41
C GLU A 146 -15.61 -4.19 -13.56
N SER A 147 -14.28 -4.31 -13.67
CA SER A 147 -13.62 -5.63 -13.70
C SER A 147 -13.47 -6.28 -12.32
N TYR A 148 -13.57 -5.48 -11.27
CA TYR A 148 -13.26 -5.93 -9.91
C TYR A 148 -14.27 -5.41 -8.89
N PRO A 149 -15.16 -6.29 -8.37
CA PRO A 149 -16.26 -5.87 -7.49
C PRO A 149 -15.97 -5.81 -5.98
N TYR A 150 -14.71 -5.84 -5.58
CA TYR A 150 -14.37 -5.83 -4.15
C TYR A 150 -13.64 -4.56 -3.79
N GLU A 151 -13.34 -4.40 -2.50
CA GLU A 151 -12.75 -3.16 -2.00
C GLU A 151 -11.50 -2.79 -2.80
N LEU A 152 -11.56 -1.62 -3.45
CA LEU A 152 -10.49 -1.10 -4.29
C LEU A 152 -10.00 0.27 -3.83
N ALA A 153 -8.68 0.47 -3.92
CA ALA A 153 -8.03 1.75 -3.65
C ALA A 153 -7.04 2.09 -4.75
N VAL A 154 -6.94 3.38 -5.06
CA VAL A 154 -6.06 3.86 -6.14
C VAL A 154 -5.10 4.96 -5.66
N GLU A 155 -3.85 4.83 -6.10
CA GLU A 155 -2.78 5.80 -5.87
C GLU A 155 -2.21 6.30 -7.21
N PHE A 156 -2.06 7.62 -7.33
CA PHE A 156 -1.40 8.25 -8.48
C PHE A 156 -0.02 8.78 -8.12
N ARG A 157 0.87 8.78 -9.10
CA ARG A 157 2.22 9.32 -8.96
C ARG A 157 2.37 10.68 -9.65
N HIS A 158 1.57 10.92 -10.69
CA HIS A 158 1.74 12.13 -11.51
C HIS A 158 0.87 13.28 -10.98
N TYR A 159 1.45 14.48 -10.96
CA TYR A 159 0.80 15.71 -10.46
C TYR A 159 -0.55 16.04 -11.13
N SER A 160 -0.64 15.78 -12.44
CA SER A 160 -1.84 16.08 -13.25
C SER A 160 -3.15 15.57 -12.66
N TRP A 161 -3.06 14.59 -11.76
CA TRP A 161 -4.22 13.96 -11.15
C TRP A 161 -4.83 14.72 -9.97
N ASP A 162 -4.10 15.66 -9.38
CA ASP A 162 -4.60 16.36 -8.17
C ASP A 162 -5.56 17.49 -8.53
N ARG A 163 -6.74 17.11 -9.01
CA ARG A 163 -7.76 18.05 -9.46
C ARG A 163 -9.14 17.52 -9.06
N GLU A 164 -10.13 18.41 -9.01
CA GLU A 164 -11.42 18.04 -8.41
C GLU A 164 -12.09 16.87 -9.13
N GLU A 165 -12.02 16.88 -10.45
CA GLU A 165 -12.63 15.84 -11.28
C GLU A 165 -12.19 14.43 -10.84
N THR A 166 -10.94 14.31 -10.40
CA THR A 166 -10.38 13.02 -9.97
C THR A 166 -11.07 12.48 -8.71
N TYR A 167 -11.31 13.35 -7.74
CA TYR A 167 -11.95 12.97 -6.48
C TYR A 167 -13.44 12.70 -6.68
N GLU A 168 -14.08 13.48 -7.54
CA GLU A 168 -15.47 13.25 -7.94
C GLU A 168 -15.62 11.90 -8.62
N PHE A 169 -14.67 11.55 -9.49
CA PHE A 169 -14.69 10.25 -10.14
C PHE A 169 -14.58 9.12 -9.11
N LEU A 170 -13.59 9.20 -8.23
CA LEU A 170 -13.38 8.17 -7.22
C LEU A 170 -14.64 7.98 -6.37
N ARG A 171 -15.15 9.08 -5.82
CA ARG A 171 -16.43 9.09 -5.09
C ARG A 171 -17.63 8.50 -5.84
N ASN A 172 -17.72 8.75 -7.13
CA ASN A 172 -18.86 8.26 -7.90
C ASN A 172 -18.75 6.76 -8.15
N HIS A 173 -17.55 6.23 -8.01
CA HIS A 173 -17.30 4.81 -8.27
C HIS A 173 -16.84 4.02 -7.05
N GLY A 174 -16.88 4.64 -5.88
CA GLY A 174 -16.54 3.96 -4.61
C GLY A 174 -15.11 3.41 -4.56
N ILE A 175 -14.17 4.18 -5.09
CA ILE A 175 -12.76 3.82 -5.02
C ILE A 175 -12.09 4.61 -3.90
N THR A 176 -11.43 3.90 -3.00
CA THR A 176 -10.74 4.51 -1.87
C THR A 176 -9.48 5.23 -2.36
N PHE A 177 -9.33 6.48 -1.93
CA PHE A 177 -8.19 7.31 -2.31
C PHE A 177 -6.97 7.02 -1.43
N VAL A 178 -5.84 6.72 -2.07
CA VAL A 178 -4.58 6.51 -1.36
C VAL A 178 -3.91 7.84 -1.06
N VAL A 179 -3.90 8.21 0.22
CA VAL A 179 -3.23 9.42 0.67
C VAL A 179 -1.74 9.11 0.74
N VAL A 180 -0.95 9.84 -0.04
CA VAL A 180 0.47 9.51 -0.20
C VAL A 180 1.38 10.60 0.36
N ASP A 181 2.41 10.16 1.08
CA ASP A 181 3.57 11.02 1.33
C ASP A 181 4.77 10.51 0.53
N GLU A 182 5.25 11.39 -0.35
CA GLU A 182 6.28 11.14 -1.34
C GLU A 182 7.26 12.29 -1.28
N PRO A 183 8.40 12.19 -1.98
CA PRO A 183 9.29 13.34 -2.11
C PRO A 183 8.60 14.65 -2.58
N LYS A 184 9.13 15.78 -2.11
CA LYS A 184 8.56 17.09 -2.45
C LYS A 184 9.31 17.64 -3.64
N LEU A 185 9.03 17.04 -4.80
CA LEU A 185 9.78 17.30 -6.02
C LEU A 185 8.82 17.59 -7.17
N PRO A 186 9.32 18.26 -8.22
CA PRO A 186 8.52 18.52 -9.41
C PRO A 186 7.85 17.26 -10.00
N GLY A 187 6.56 17.36 -10.28
CA GLY A 187 5.85 16.33 -11.03
C GLY A 187 5.11 15.28 -10.22
N LEU A 188 5.51 15.12 -8.96
CA LEU A 188 4.96 14.06 -8.10
C LEU A 188 3.65 14.46 -7.44
N PHE A 189 2.85 13.46 -7.09
CA PHE A 189 1.54 13.71 -6.53
C PHE A 189 1.68 14.18 -5.08
N PRO A 190 0.97 15.27 -4.71
CA PRO A 190 1.11 15.83 -3.36
C PRO A 190 0.40 15.05 -2.27
N TYR A 191 0.59 15.48 -1.04
CA TYR A 191 -0.05 14.87 0.12
C TYR A 191 -1.42 15.49 0.27
N ARG A 192 -2.45 14.71 -0.03
CA ARG A 192 -3.85 15.17 0.09
C ARG A 192 -4.61 14.31 1.09
N PRO A 193 -4.80 14.79 2.32
CA PRO A 193 -5.48 13.97 3.32
C PRO A 193 -6.99 14.08 3.13
N ILE A 194 -7.50 13.23 2.22
CA ILE A 194 -8.87 13.29 1.73
C ILE A 194 -9.46 11.88 1.68
N THR A 195 -10.77 11.79 1.94
CA THR A 195 -11.48 10.52 1.80
C THR A 195 -12.53 10.57 0.69
N THR A 196 -12.56 9.52 -0.12
CA THR A 196 -13.54 9.37 -1.20
C THR A 196 -14.56 8.26 -0.91
N THR A 197 -14.33 7.52 0.18
CA THR A 197 -15.13 6.34 0.54
C THR A 197 -15.30 6.32 2.06
N ASP A 198 -15.62 5.15 2.60
CA ASP A 198 -15.71 4.92 4.05
C ASP A 198 -14.51 4.13 4.55
N TYR A 199 -13.40 4.24 3.81
CA TYR A 199 -12.09 3.77 4.25
C TYR A 199 -11.01 4.79 3.86
N ALA A 200 -10.00 4.92 4.70
CA ALA A 200 -8.79 5.68 4.36
C ALA A 200 -7.62 4.73 4.18
N TYR A 201 -6.70 5.13 3.31
CA TYR A 201 -5.52 4.33 2.99
C TYR A 201 -4.34 5.29 2.84
N PHE A 202 -3.31 5.13 3.68
CA PHE A 202 -2.12 5.99 3.60
C PHE A 202 -0.92 5.19 3.17
N ARG A 203 -0.11 5.77 2.29
CA ARG A 203 1.17 5.17 1.94
C ARG A 203 2.30 6.19 2.05
N PHE A 204 3.33 5.86 2.82
CA PHE A 204 4.48 6.74 3.04
C PHE A 204 5.74 6.14 2.44
N HIS A 205 6.28 6.83 1.43
CA HIS A 205 7.43 6.33 0.67
C HIS A 205 8.75 6.98 1.09
N GLY A 206 8.68 7.87 2.07
CA GLY A 206 9.79 8.75 2.39
C GLY A 206 9.91 9.90 1.41
N ARG A 207 10.94 10.72 1.57
CA ARG A 207 11.07 11.96 0.83
C ARG A 207 12.47 12.15 0.28
N ASN A 208 13.08 11.05 -0.14
CA ASN A 208 14.40 11.07 -0.74
C ASN A 208 14.44 12.02 -1.94
N GLU A 209 15.25 13.06 -1.84
CA GLU A 209 15.43 14.03 -2.94
C GLU A 209 16.09 13.46 -4.19
N ARG A 210 16.71 12.29 -4.05
CA ARG A 210 17.37 11.59 -5.15
C ARG A 210 16.43 10.56 -5.79
N TRP A 211 15.14 10.67 -5.48
CA TRP A 211 14.09 9.76 -5.95
C TRP A 211 14.16 9.39 -7.42
N PHE A 212 14.46 10.35 -8.29
CA PHE A 212 14.47 10.12 -9.75
C PHE A 212 15.79 9.54 -10.30
N GLU A 213 16.86 9.58 -9.51
CA GLU A 213 18.17 9.07 -9.91
C GLU A 213 18.50 7.70 -9.30
N ALA A 214 17.86 7.37 -8.18
CA ALA A 214 18.32 6.28 -7.31
C ALA A 214 18.02 4.87 -7.83
N GLU A 215 18.99 3.97 -7.61
CA GLU A 215 18.94 2.54 -8.01
C GLU A 215 18.08 1.65 -7.12
N GLY A 216 16.92 1.26 -7.62
CA GLY A 216 16.07 0.27 -6.93
C GLY A 216 15.47 0.82 -5.65
N GLU A 217 15.70 0.14 -4.52
CA GLU A 217 15.16 0.62 -3.23
C GLU A 217 16.13 1.57 -2.51
N GLU A 218 17.20 2.00 -3.18
CA GLU A 218 17.95 3.18 -2.72
C GLU A 218 17.09 4.44 -2.87
N ARG A 219 16.11 4.37 -3.77
CA ARG A 219 15.08 5.39 -3.90
C ARG A 219 14.28 5.64 -2.61
N TYR A 220 14.04 4.55 -1.86
CA TYR A 220 13.28 4.60 -0.61
C TYR A 220 14.16 4.73 0.64
N ASP A 221 15.44 5.06 0.44
CA ASP A 221 16.34 5.32 1.56
C ASP A 221 15.98 6.66 2.22
N TYR A 222 15.15 6.57 3.25
CA TYR A 222 14.71 7.73 4.01
C TYR A 222 14.18 7.29 5.37
N LEU A 223 14.43 8.10 6.39
CA LEU A 223 13.93 7.85 7.73
C LEU A 223 13.20 9.09 8.23
N TYR A 224 11.87 9.01 8.30
CA TYR A 224 11.07 10.11 8.81
C TYR A 224 11.51 10.52 10.21
N SER A 225 11.59 11.83 10.43
CA SER A 225 11.80 12.39 11.76
C SER A 225 10.52 12.27 12.59
N GLU A 226 10.69 12.27 13.91
CA GLU A 226 9.57 12.24 14.86
C GLU A 226 8.62 13.43 14.65
N GLU A 227 9.18 14.58 14.27
CA GLU A 227 8.39 15.78 13.99
C GLU A 227 7.43 15.56 12.83
N GLU A 228 7.93 15.00 11.73
CA GLU A 228 7.10 14.74 10.55
C GLU A 228 6.12 13.58 10.75
N LEU A 229 6.53 12.54 11.49
CA LEU A 229 5.60 11.47 11.85
C LEU A 229 4.39 12.00 12.64
N LYS A 230 4.65 12.93 13.55
CA LYS A 230 3.60 13.58 14.34
C LYS A 230 2.60 14.33 13.46
N THR A 231 3.10 15.09 12.49
CA THR A 231 2.25 15.85 11.57
C THR A 231 1.40 14.90 10.72
N LEU A 232 1.99 13.80 10.26
CA LEU A 232 1.26 12.77 9.52
C LEU A 232 0.23 12.09 10.42
N PHE A 233 0.64 11.84 11.67
CA PHE A 233 -0.19 11.13 12.64
C PHE A 233 -1.50 11.88 12.94
N GLU A 234 -1.41 13.18 13.18
CA GLU A 234 -2.60 13.97 13.51
C GLU A 234 -3.63 13.95 12.37
N ASP A 235 -3.15 13.92 11.13
CA ASP A 235 -4.02 13.79 9.96
C ASP A 235 -4.68 12.41 9.90
N VAL A 236 -3.89 11.36 10.13
CA VAL A 236 -4.42 9.98 10.18
C VAL A 236 -5.54 9.80 11.22
N VAL A 237 -5.38 10.38 12.40
CA VAL A 237 -6.43 10.25 13.43
C VAL A 237 -7.64 11.10 13.08
N GLU A 238 -7.40 12.25 12.46
CA GLU A 238 -8.48 13.15 12.05
C GLU A 238 -9.37 12.48 11.00
N LEU A 239 -8.75 11.86 10.00
CA LEU A 239 -9.48 11.11 8.99
C LEU A 239 -10.16 9.85 9.54
N SER A 240 -9.43 9.10 10.37
CA SER A 240 -9.92 7.81 10.88
C SER A 240 -11.29 7.91 11.54
N ARG A 241 -11.58 9.07 12.11
CA ARG A 241 -12.90 9.36 12.70
C ARG A 241 -14.05 9.45 11.67
N ARG A 242 -13.70 9.75 10.43
CA ARG A 242 -14.66 9.86 9.35
C ARG A 242 -14.91 8.54 8.61
N VAL A 243 -14.19 7.47 8.96
CA VAL A 243 -14.24 6.21 8.20
C VAL A 243 -14.33 4.97 9.09
N LYS A 244 -14.71 3.84 8.49
CA LYS A 244 -14.86 2.58 9.23
C LYS A 244 -13.49 2.10 9.71
N GLU A 245 -12.52 2.09 8.79
CA GLU A 245 -11.15 1.68 9.09
C GLU A 245 -10.14 2.45 8.25
N THR A 246 -8.91 2.55 8.76
CA THR A 246 -7.82 3.26 8.09
C THR A 246 -6.62 2.32 8.03
N TYR A 247 -5.97 2.26 6.87
CA TYR A 247 -4.81 1.40 6.65
C TYR A 247 -3.61 2.25 6.32
N VAL A 248 -2.57 2.13 7.12
CA VAL A 248 -1.39 2.98 7.00
C VAL A 248 -0.18 2.09 6.78
N PHE A 249 0.51 2.28 5.67
CA PHE A 249 1.70 1.48 5.36
C PHE A 249 2.90 2.37 5.10
N PHE A 250 4.07 1.93 5.59
CA PHE A 250 5.36 2.60 5.36
C PHE A 250 6.17 1.83 4.34
N ASN A 251 6.68 2.54 3.35
CA ASN A 251 7.26 1.93 2.17
C ASN A 251 8.75 2.22 2.04
N ASN A 252 9.29 3.01 2.96
CA ASN A 252 10.72 3.36 2.97
C ASN A 252 11.51 2.23 3.59
N CYS A 253 11.46 1.06 2.96
CA CYS A 253 11.88 -0.20 3.58
C CYS A 253 13.39 -0.46 3.54
N TYR A 254 14.12 0.41 2.86
CA TYR A 254 15.59 0.29 2.77
C TYR A 254 16.20 0.26 4.17
N LYS A 255 16.85 -0.86 4.51
CA LYS A 255 17.52 -1.06 5.79
C LYS A 255 16.61 -0.89 7.03
N GLY A 256 15.35 -1.30 6.88
CA GLY A 256 14.44 -1.38 8.03
C GLY A 256 13.87 -0.05 8.50
N GLN A 257 14.12 1.00 7.73
CA GLN A 257 13.66 2.35 8.08
C GLN A 257 12.14 2.38 8.19
N ALA A 258 11.46 1.71 7.25
CA ALA A 258 10.01 1.61 7.27
C ALA A 258 9.47 0.98 8.55
N ALA A 259 10.11 -0.11 8.98
CA ALA A 259 9.74 -0.81 10.21
C ALA A 259 9.95 0.09 11.43
N ILE A 260 11.11 0.76 11.50
CA ILE A 260 11.40 1.73 12.57
C ILE A 260 10.29 2.78 12.64
N ASN A 261 10.03 3.45 11.53
CA ASN A 261 9.01 4.49 11.48
C ASN A 261 7.61 3.96 11.76
N ALA A 262 7.31 2.76 11.27
CA ALA A 262 5.98 2.16 11.48
C ALA A 262 5.77 1.86 12.96
N LEU A 263 6.84 1.41 13.61
CA LEU A 263 6.84 1.16 15.06
C LEU A 263 6.72 2.45 15.87
N GLN A 264 7.35 3.52 15.40
CA GLN A 264 7.23 4.83 16.04
C GLN A 264 5.82 5.33 15.91
N PHE A 265 5.26 5.18 14.72
CA PHE A 265 3.89 5.57 14.43
C PHE A 265 2.88 4.76 15.26
N LYS A 266 3.12 3.46 15.33
CA LYS A 266 2.26 2.53 16.09
C LYS A 266 2.20 2.90 17.58
N LYS A 267 3.35 3.30 18.11
CA LYS A 267 3.48 3.82 19.47
C LYS A 267 2.59 5.06 19.68
N MET A 268 2.59 5.96 18.70
CA MET A 268 1.77 7.18 18.79
C MET A 268 0.28 6.82 18.85
N LEU A 269 -0.12 5.85 18.04
CA LEU A 269 -1.51 5.35 18.04
C LEU A 269 -1.90 4.79 19.39
N GLU A 270 -0.96 4.13 20.07
CA GLU A 270 -1.24 3.48 21.35
C GLU A 270 -1.62 4.43 22.48
N GLU A 271 -1.32 5.72 22.36
CA GLU A 271 -1.94 6.73 23.25
C GLU A 271 -2.95 7.57 22.48
S SO4 B . 5.52 1.99 -4.81
O1 SO4 B . 4.46 2.97 -5.03
O2 SO4 B . 6.12 1.59 -6.08
O3 SO4 B . 6.54 2.61 -3.96
O4 SO4 B . 4.96 0.80 -4.19
S SO4 C . 7.52 5.31 -10.94
O1 SO4 C . 7.21 3.94 -10.55
O2 SO4 C . 8.58 5.32 -11.93
O3 SO4 C . 6.34 5.92 -11.53
O4 SO4 C . 7.94 6.09 -9.78
S SO4 D . 2.52 18.67 0.07
O1 SO4 D . 3.11 17.90 -1.04
O2 SO4 D . 1.45 19.55 -0.41
O3 SO4 D . 1.98 17.77 1.06
O4 SO4 D . 3.56 19.45 0.71
#